data_6OIP
#
_entry.id   6OIP
#
_cell.length_a   46.400
_cell.length_b   55.920
_cell.length_c   123.950
_cell.angle_alpha   90.00
_cell.angle_beta   90.00
_cell.angle_gamma   90.00
#
_symmetry.space_group_name_H-M   'P 21 21 21'
#
loop_
_entity.id
_entity.type
_entity.pdbx_description
1 polymer 'Histone acetyltransferase KAT8'
2 non-polymer 'ZINC ION'
3 non-polymer GLYCEROL
4 non-polymer "2-fluoro-3-methyl-N'-[(naphthalen-2-yl)sulfonyl]benzohydrazide"
5 water water
#
_entity_poly.entity_id   1
_entity_poly.type   'polypeptide(L)'
_entity_poly.pdbx_seq_one_letter_code
;VKYVDKIHIGNYEIDAWYFSPFPEDYGKQPKLWLCEYCLKYMKYEKSYRFHLGQCQWRQPPGKEIYRKSNISVHEVDGKD
HKIYCQNLCLLAKLFLDH(ALY)TLYFDVEPFVFYILTEVDRQGAHIVGYFSKEKESPDGNNVSCIMILPPYQRRGYGRF
LIAFSYELSKLESTVGSPEKPLSDLGKLSYRSYWSWVLLENLRDFRGTLSIKDLSQMTSITQNDIISTLQSLNMVKYWKG
QHVICVTPKLVEEHLKSAQYKKPPITVDSVCLKWAPP
;
_entity_poly.pdbx_strand_id   A
#
# COMPACT_ATOMS: atom_id res chain seq x y z
N LYS A 2 -26.14 16.46 -1.12
CA LYS A 2 -24.97 16.34 -2.00
C LYS A 2 -23.77 15.82 -1.24
N TYR A 3 -23.04 14.88 -1.85
CA TYR A 3 -21.79 14.41 -1.30
C TYR A 3 -20.63 15.22 -1.87
N VAL A 4 -19.47 15.07 -1.25
CA VAL A 4 -18.25 15.54 -1.89
C VAL A 4 -18.09 14.79 -3.21
N ASP A 5 -17.92 15.54 -4.30
CA ASP A 5 -17.68 14.89 -5.57
C ASP A 5 -16.33 15.21 -6.17
N LYS A 6 -15.58 16.16 -5.63
CA LYS A 6 -14.30 16.49 -6.21
C LYS A 6 -13.44 17.10 -5.11
N ILE A 7 -12.15 16.77 -5.12
CA ILE A 7 -11.21 17.38 -4.18
C ILE A 7 -10.09 18.04 -4.95
N HIS A 8 -9.52 19.05 -4.32
CA HIS A 8 -8.29 19.68 -4.77
C HIS A 8 -7.26 19.36 -3.70
N ILE A 9 -6.16 18.71 -4.07
CA ILE A 9 -5.12 18.38 -3.10
C ILE A 9 -3.77 18.59 -3.77
N GLY A 10 -2.90 19.36 -3.13
CA GLY A 10 -1.66 19.72 -3.82
C GLY A 10 -1.99 20.42 -5.13
N ASN A 11 -1.40 19.95 -6.22
CA ASN A 11 -1.68 20.45 -7.55
C ASN A 11 -2.76 19.65 -8.28
N TYR A 12 -3.40 18.69 -7.60
CA TYR A 12 -4.32 17.77 -8.27
C TYR A 12 -5.75 18.16 -7.97
N GLU A 13 -6.60 18.03 -8.98
CA GLU A 13 -8.05 17.93 -8.77
C GLU A 13 -8.43 16.50 -9.10
N ILE A 14 -9.24 15.88 -8.24
CA ILE A 14 -9.54 14.46 -8.36
C ILE A 14 -11.03 14.27 -8.13
N ASP A 15 -11.71 13.59 -9.06
CA ASP A 15 -13.13 13.28 -8.86
C ASP A 15 -13.30 12.13 -7.86
N ALA A 16 -14.32 12.23 -7.01
CA ALA A 16 -14.63 11.18 -6.05
C ALA A 16 -15.15 9.93 -6.75
N TRP A 17 -14.89 8.78 -6.13
CA TRP A 17 -15.42 7.49 -6.58
C TRP A 17 -16.53 6.96 -5.70
N TYR A 18 -16.53 7.35 -4.42
CA TYR A 18 -17.44 6.81 -3.43
C TYR A 18 -17.80 7.90 -2.44
N PHE A 19 -18.89 7.67 -1.73
CA PHE A 19 -19.28 8.50 -0.60
C PHE A 19 -18.24 8.39 0.52
N SER A 20 -17.87 9.54 1.09
CA SER A 20 -17.08 9.59 2.31
C SER A 20 -17.77 10.51 3.30
N PRO A 21 -17.85 10.11 4.56
CA PRO A 21 -18.66 10.83 5.55
C PRO A 21 -18.00 12.09 6.09
N PHE A 22 -17.66 13.02 5.19
CA PHE A 22 -17.36 14.36 5.63
C PHE A 22 -18.65 15.02 6.13
N PRO A 23 -18.53 16.01 7.01
CA PRO A 23 -19.74 16.71 7.48
C PRO A 23 -20.52 17.32 6.32
N GLU A 24 -21.83 17.51 6.57
CA GLU A 24 -22.75 17.91 5.50
C GLU A 24 -22.37 19.25 4.91
N ASP A 25 -21.98 20.22 5.74
CA ASP A 25 -21.64 21.51 5.18
CA ASP A 25 -21.62 21.53 5.22
C ASP A 25 -20.37 21.47 4.34
N TYR A 26 -19.54 20.44 4.50
CA TYR A 26 -18.39 20.26 3.62
C TYR A 26 -18.81 19.58 2.31
N GLY A 27 -19.70 18.59 2.38
CA GLY A 27 -20.15 17.93 1.16
C GLY A 27 -20.92 18.83 0.21
N LYS A 28 -21.66 19.80 0.74
CA LYS A 28 -22.51 20.62 -0.11
C LYS A 28 -21.71 21.58 -0.98
N GLN A 29 -20.42 21.76 -0.71
CA GLN A 29 -19.61 22.64 -1.53
C GLN A 29 -19.37 22.01 -2.90
N PRO A 30 -19.04 22.82 -3.90
CA PRO A 30 -18.64 22.23 -5.20
C PRO A 30 -17.40 21.36 -5.10
N LYS A 31 -16.51 21.64 -4.14
CA LYS A 31 -15.23 20.96 -4.05
C LYS A 31 -14.76 21.01 -2.59
N LEU A 32 -13.98 20.02 -2.18
CA LEU A 32 -13.27 20.06 -0.89
C LEU A 32 -11.80 20.30 -1.17
N TRP A 33 -11.16 21.15 -0.37
CA TRP A 33 -9.77 21.55 -0.60
C TRP A 33 -8.94 20.97 0.54
N LEU A 34 -7.92 20.17 0.21
CA LEU A 34 -7.14 19.50 1.24
C LEU A 34 -5.70 19.97 1.23
N CYS A 35 -5.18 20.34 2.40
CA CYS A 35 -3.76 20.57 2.54
C CYS A 35 -3.03 19.26 2.32
N GLU A 36 -2.08 19.24 1.37
CA GLU A 36 -1.43 17.97 1.06
C GLU A 36 -0.46 17.52 2.14
N TYR A 37 -0.10 18.39 3.10
CA TYR A 37 0.85 18.02 4.14
C TYR A 37 0.17 17.66 5.45
N CYS A 38 -0.77 18.47 5.92
CA CYS A 38 -1.42 18.14 7.19
C CYS A 38 -2.81 17.53 6.99
N LEU A 39 -3.32 17.50 5.77
CA LEU A 39 -4.59 16.87 5.42
C LEU A 39 -5.80 17.56 6.04
N LYS A 40 -5.66 18.77 6.57
CA LYS A 40 -6.83 19.56 6.91
C LYS A 40 -7.70 19.75 5.68
N TYR A 41 -9.02 19.59 5.84
CA TYR A 41 -9.88 19.85 4.71
C TYR A 41 -10.68 21.13 4.91
N MET A 42 -10.95 21.81 3.79
CA MET A 42 -11.47 23.17 3.81
C MET A 42 -12.56 23.32 2.77
N LYS A 43 -13.45 24.28 3.01
CA LYS A 43 -14.65 24.43 2.19
C LYS A 43 -14.47 25.32 0.99
N TYR A 44 -13.50 26.24 1.02
CA TYR A 44 -13.41 27.32 0.06
C TYR A 44 -12.00 27.45 -0.46
N GLU A 45 -11.89 27.86 -1.73
CA GLU A 45 -10.58 28.18 -2.27
C GLU A 45 -9.89 29.24 -1.43
N LYS A 46 -10.64 30.21 -0.91
CA LYS A 46 -10.01 31.27 -0.13
C LYS A 46 -9.47 30.77 1.20
N SER A 47 -10.18 29.87 1.88
CA SER A 47 -9.59 29.37 3.11
C SER A 47 -8.39 28.47 2.80
N TYR A 48 -8.45 27.76 1.67
CA TYR A 48 -7.34 26.92 1.23
C TYR A 48 -6.09 27.75 0.98
N ARG A 49 -6.25 28.87 0.27
CA ARG A 49 -5.08 29.66 -0.08
C ARG A 49 -4.46 30.29 1.16
N PHE A 50 -5.29 30.74 2.10
CA PHE A 50 -4.75 31.24 3.35
C PHE A 50 -4.01 30.14 4.09
N HIS A 51 -4.57 28.93 4.14
CA HIS A 51 -3.89 27.83 4.80
C HIS A 51 -2.54 27.54 4.13
N LEU A 52 -2.51 27.53 2.79
CA LEU A 52 -1.26 27.24 2.08
C LEU A 52 -0.13 28.12 2.57
N GLY A 53 -0.42 29.41 2.84
CA GLY A 53 0.62 30.34 3.21
C GLY A 53 1.03 30.28 4.66
N GLN A 54 0.22 29.67 5.51
CA GLN A 54 0.48 29.63 6.94
C GLN A 54 0.91 28.27 7.45
N CYS A 55 0.46 27.18 6.83
CA CYS A 55 0.77 25.85 7.35
C CYS A 55 2.28 25.62 7.28
N GLN A 56 2.83 25.12 8.38
CA GLN A 56 4.27 24.87 8.44
C GLN A 56 4.63 23.45 8.03
N TRP A 57 3.67 22.54 7.89
CA TRP A 57 4.00 21.15 7.58
C TRP A 57 4.47 21.02 6.15
N ARG A 58 5.51 20.21 5.95
CA ARG A 58 5.95 19.91 4.59
C ARG A 58 6.17 18.41 4.41
N GLN A 59 5.62 17.59 5.30
CA GLN A 59 5.69 16.14 5.27
C GLN A 59 4.71 15.55 6.28
N PRO A 60 4.45 14.25 6.21
CA PRO A 60 3.58 13.62 7.20
C PRO A 60 4.20 13.67 8.58
N PRO A 61 3.39 13.52 9.61
CA PRO A 61 3.95 13.45 10.96
C PRO A 61 4.56 12.09 11.20
N GLY A 62 4.99 11.83 12.43
CA GLY A 62 5.55 10.54 12.76
C GLY A 62 6.99 10.39 12.31
N LYS A 63 7.45 9.14 12.34
CA LYS A 63 8.84 8.78 12.08
C LYS A 63 9.02 8.42 10.61
N GLU A 64 10.05 8.99 9.98
CA GLU A 64 10.44 8.57 8.63
C GLU A 64 11.20 7.27 8.73
N ILE A 65 10.52 6.14 8.48
CA ILE A 65 11.16 4.84 8.64
C ILE A 65 11.80 4.33 7.35
N TYR A 66 11.65 5.06 6.25
CA TYR A 66 12.29 4.66 5.00
C TYR A 66 12.58 5.90 4.20
N ARG A 67 13.79 5.97 3.64
CA ARG A 67 14.14 7.05 2.73
C ARG A 67 15.22 6.54 1.78
N LYS A 68 14.92 6.52 0.48
CA LYS A 68 15.95 6.29 -0.53
C LYS A 68 15.74 7.26 -1.66
N SER A 69 16.74 8.08 -1.93
CA SER A 69 16.59 9.19 -2.87
C SER A 69 15.35 9.96 -2.43
N ASN A 70 14.38 10.20 -3.30
CA ASN A 70 13.23 11.04 -2.98
C ASN A 70 11.97 10.23 -2.64
N ILE A 71 12.10 8.95 -2.31
CA ILE A 71 10.96 8.13 -1.90
C ILE A 71 11.06 7.90 -0.40
N SER A 72 10.00 8.24 0.33
CA SER A 72 10.04 8.15 1.78
CA SER A 72 10.01 8.22 1.79
C SER A 72 8.74 7.54 2.30
N VAL A 73 8.85 6.87 3.44
CA VAL A 73 7.70 6.32 4.15
C VAL A 73 7.74 6.83 5.58
N HIS A 74 6.62 7.39 6.05
CA HIS A 74 6.46 7.76 7.45
C HIS A 74 5.56 6.77 8.16
N GLU A 75 5.91 6.44 9.40
CA GLU A 75 5.12 5.56 10.24
C GLU A 75 4.36 6.45 11.22
N VAL A 76 3.03 6.34 11.21
CA VAL A 76 2.15 7.23 11.96
C VAL A 76 1.23 6.40 12.83
N ASP A 77 1.38 6.52 14.15
CA ASP A 77 0.52 5.79 15.07
C ASP A 77 -0.83 6.49 15.16
N GLY A 78 -1.90 5.73 14.92
CA GLY A 78 -3.21 6.32 14.90
C GLY A 78 -3.64 6.91 16.25
N LYS A 79 -3.13 6.36 17.35
CA LYS A 79 -3.50 6.90 18.65
C LYS A 79 -2.80 8.22 18.92
N ASP A 80 -1.56 8.37 18.43
CA ASP A 80 -0.76 9.56 18.68
C ASP A 80 -1.06 10.70 17.71
N HIS A 81 -1.62 10.40 16.53
CA HIS A 81 -1.91 11.43 15.53
C HIS A 81 -3.33 11.25 15.01
N LYS A 82 -4.29 11.34 15.93
CA LYS A 82 -5.63 10.87 15.64
C LYS A 82 -6.30 11.69 14.55
N ILE A 83 -6.18 13.02 14.61
CA ILE A 83 -6.87 13.88 13.65
C ILE A 83 -6.26 13.71 12.27
N TYR A 84 -4.93 13.70 12.16
CA TYR A 84 -4.29 13.44 10.88
C TYR A 84 -4.77 12.12 10.29
N CYS A 85 -4.84 11.07 11.12
CA CYS A 85 -5.20 9.77 10.58
C CYS A 85 -6.69 9.68 10.25
N GLN A 86 -7.55 10.34 11.03
CA GLN A 86 -8.95 10.42 10.66
C GLN A 86 -9.13 11.12 9.31
N ASN A 87 -8.38 12.21 9.09
CA ASN A 87 -8.50 12.93 7.83
C ASN A 87 -7.97 12.10 6.68
N LEU A 88 -6.89 11.36 6.92
CA LEU A 88 -6.38 10.43 5.91
C LEU A 88 -7.44 9.39 5.54
N CYS A 89 -8.12 8.85 6.55
CA CYS A 89 -9.18 7.88 6.29
C CYS A 89 -10.32 8.49 5.49
N LEU A 90 -10.73 9.73 5.83
CA LEU A 90 -11.79 10.39 5.07
C LEU A 90 -11.39 10.58 3.62
N LEU A 91 -10.15 10.99 3.38
CA LEU A 91 -9.65 11.11 2.02
C LEU A 91 -9.70 9.77 1.32
N ALA A 92 -9.19 8.72 1.97
CA ALA A 92 -9.11 7.42 1.32
C ALA A 92 -10.49 6.89 0.97
N LYS A 93 -11.47 7.16 1.83
CA LYS A 93 -12.81 6.60 1.63
C LYS A 93 -13.47 7.15 0.38
N LEU A 94 -13.01 8.31 -0.12
CA LEU A 94 -13.50 8.79 -1.41
C LEU A 94 -13.14 7.86 -2.55
N PHE A 95 -12.16 6.98 -2.35
CA PHE A 95 -11.64 6.16 -3.43
C PHE A 95 -11.68 4.65 -3.14
N LEU A 96 -12.27 4.26 -2.03
CA LEU A 96 -12.36 2.86 -1.59
CA LEU A 96 -12.40 2.84 -1.74
C LEU A 96 -13.78 2.55 -1.17
N ASP A 97 -14.27 1.35 -1.52
CA ASP A 97 -15.57 0.90 -1.03
C ASP A 97 -15.55 -0.55 -0.56
N HIS A 98 -14.36 -1.14 -0.38
CA HIS A 98 -14.24 -2.51 0.13
C HIS A 98 -13.97 -2.46 1.63
N THR A 100 -15.27 -0.30 5.04
CA THR A 100 -16.06 0.66 5.80
C THR A 100 -15.13 1.70 6.40
N LEU A 101 -15.55 2.96 6.52
CA LEU A 101 -14.61 3.97 7.01
C LEU A 101 -14.27 3.74 8.47
N TYR A 102 -12.98 3.82 8.77
CA TYR A 102 -12.38 3.68 10.09
C TYR A 102 -12.81 4.83 10.98
N PHE A 103 -13.99 4.71 11.57
CA PHE A 103 -14.39 5.71 12.54
C PHE A 103 -13.46 5.72 13.76
N ASP A 104 -12.65 4.67 13.94
CA ASP A 104 -11.61 4.64 14.97
C ASP A 104 -10.28 4.27 14.34
N VAL A 105 -9.35 5.23 14.34
CA VAL A 105 -8.00 5.01 13.83
C VAL A 105 -7.02 4.57 14.90
N GLU A 106 -7.41 4.56 16.18
CA GLU A 106 -6.43 4.29 17.22
CA GLU A 106 -6.45 4.28 17.25
C GLU A 106 -5.85 2.88 17.18
N PRO A 107 -6.56 1.83 16.74
CA PRO A 107 -5.93 0.50 16.72
C PRO A 107 -4.92 0.30 15.60
N PHE A 108 -4.64 1.32 14.80
CA PHE A 108 -3.90 1.14 13.57
C PHE A 108 -2.64 1.98 13.53
N VAL A 109 -1.66 1.49 12.80
CA VAL A 109 -0.48 2.27 12.40
C VAL A 109 -0.57 2.46 10.89
N PHE A 110 -0.25 3.67 10.44
CA PHE A 110 -0.37 4.04 9.04
C PHE A 110 1.01 4.27 8.44
N TYR A 111 1.24 3.75 7.25
CA TYR A 111 2.52 3.88 6.59
C TYR A 111 2.27 4.73 5.37
N ILE A 112 2.70 5.98 5.42
CA ILE A 112 2.37 6.99 4.41
C ILE A 112 3.52 7.06 3.41
N LEU A 113 3.22 6.88 2.13
CA LEU A 113 4.21 6.97 1.07
C LEU A 113 4.21 8.38 0.47
N THR A 114 5.39 9.00 0.39
CA THR A 114 5.53 10.30 -0.24
C THR A 114 6.66 10.28 -1.27
N GLU A 115 6.55 11.13 -2.29
CA GLU A 115 7.71 11.42 -3.12
C GLU A 115 8.07 12.89 -2.95
N VAL A 116 9.36 13.15 -2.83
CA VAL A 116 9.86 14.39 -2.26
C VAL A 116 10.45 15.26 -3.37
N ASP A 117 10.25 16.57 -3.26
CA ASP A 117 10.98 17.52 -4.10
C ASP A 117 11.37 18.69 -3.21
N ARG A 118 11.87 19.78 -3.81
CA ARG A 118 12.36 20.88 -2.99
C ARG A 118 11.24 21.49 -2.14
N GLN A 119 9.99 21.36 -2.57
CA GLN A 119 8.88 21.98 -1.86
CA GLN A 119 8.87 21.98 -1.87
C GLN A 119 8.46 21.19 -0.64
N GLY A 120 8.52 19.86 -0.70
CA GLY A 120 8.12 19.06 0.43
C GLY A 120 7.88 17.62 -0.01
N ALA A 121 7.32 16.83 0.91
CA ALA A 121 7.07 15.40 0.70
C ALA A 121 5.59 15.22 0.36
N HIS A 122 5.31 14.76 -0.86
CA HIS A 122 3.97 14.77 -1.45
C HIS A 122 3.32 13.40 -1.32
N ILE A 123 2.13 13.35 -0.74
CA ILE A 123 1.51 12.08 -0.41
CA ILE A 123 1.51 12.07 -0.42
C ILE A 123 1.05 11.40 -1.70
N VAL A 124 1.33 10.10 -1.80
CA VAL A 124 0.86 9.33 -2.94
CA VAL A 124 0.90 9.27 -2.92
C VAL A 124 -0.17 8.29 -2.49
N GLY A 125 -0.05 7.78 -1.28
CA GLY A 125 -0.92 6.73 -0.78
C GLY A 125 -0.40 6.21 0.55
N TYR A 126 -1.03 5.14 1.03
CA TYR A 126 -0.65 4.60 2.33
C TYR A 126 -1.22 3.19 2.46
N PHE A 127 -0.71 2.45 3.44
CA PHE A 127 -1.43 1.29 3.93
C PHE A 127 -1.48 1.38 5.45
N SER A 128 -2.54 0.81 6.02
CA SER A 128 -2.71 0.73 7.46
C SER A 128 -2.49 -0.71 7.90
N LYS A 129 -2.15 -0.85 9.16
CA LYS A 129 -1.85 -2.15 9.73
C LYS A 129 -2.35 -2.17 11.15
N GLU A 130 -3.00 -3.27 11.55
CA GLU A 130 -3.46 -3.39 12.92
C GLU A 130 -2.25 -3.57 13.84
N LYS A 131 -2.21 -2.80 14.93
CA LYS A 131 -1.09 -2.90 15.86
C LYS A 131 -0.94 -4.31 16.40
N GLU A 132 -2.06 -4.97 16.69
CA GLU A 132 -2.08 -6.40 16.97
C GLU A 132 -3.15 -7.01 16.09
N SER A 133 -2.74 -7.87 15.17
CA SER A 133 -3.69 -8.53 14.28
C SER A 133 -3.76 -10.00 14.65
N PRO A 134 -4.89 -10.49 15.20
CA PRO A 134 -4.99 -11.92 15.53
C PRO A 134 -4.71 -12.77 14.30
N ASP A 135 -5.46 -12.50 13.23
CA ASP A 135 -5.25 -13.15 11.94
C ASP A 135 -3.84 -12.86 11.45
N GLY A 136 -3.48 -13.36 10.27
CA GLY A 136 -2.18 -13.04 9.73
C GLY A 136 -2.24 -11.92 8.71
N ASN A 137 -2.76 -10.76 9.11
CA ASN A 137 -2.97 -9.64 8.19
C ASN A 137 -1.84 -8.64 8.37
N ASN A 138 -1.02 -8.47 7.34
CA ASN A 138 0.06 -7.50 7.39
C ASN A 138 -0.32 -6.20 6.72
N VAL A 139 -1.53 -6.12 6.18
CA VAL A 139 -2.13 -4.90 5.62
C VAL A 139 -3.61 -4.96 5.94
N SER A 140 -4.13 -3.87 6.49
CA SER A 140 -5.56 -3.74 6.75
CA SER A 140 -5.56 -3.75 6.74
C SER A 140 -6.27 -3.02 5.61
N CYS A 141 -5.78 -1.84 5.24
CA CYS A 141 -6.31 -1.13 4.08
CA CYS A 141 -6.30 -1.12 4.08
C CYS A 141 -5.13 -0.56 3.32
N ILE A 142 -5.26 -0.50 2.00
CA ILE A 142 -4.23 0.13 1.20
C ILE A 142 -4.92 1.02 0.18
N MET A 143 -4.38 2.23 -0.03
CA MET A 143 -5.02 3.20 -0.91
C MET A 143 -3.92 3.97 -1.64
N ILE A 144 -4.01 4.01 -2.97
CA ILE A 144 -3.15 4.85 -3.80
C ILE A 144 -4.03 5.90 -4.44
N LEU A 145 -3.64 7.17 -4.36
CA LEU A 145 -4.49 8.20 -4.92
C LEU A 145 -4.61 8.01 -6.43
N PRO A 146 -5.78 8.26 -7.03
CA PRO A 146 -6.02 7.89 -8.45
C PRO A 146 -4.90 8.32 -9.39
N PRO A 147 -4.40 9.57 -9.33
CA PRO A 147 -3.38 9.97 -10.32
C PRO A 147 -2.09 9.17 -10.23
N TYR A 148 -1.86 8.46 -9.12
CA TYR A 148 -0.65 7.65 -8.95
C TYR A 148 -0.89 6.16 -9.17
N GLN A 149 -2.11 5.74 -9.45
CA GLN A 149 -2.37 4.32 -9.61
C GLN A 149 -1.74 3.78 -10.90
N ARG A 150 -1.40 2.50 -10.87
CA ARG A 150 -0.81 1.80 -12.01
C ARG A 150 0.52 2.40 -12.42
N ARG A 151 1.25 2.98 -11.47
CA ARG A 151 2.53 3.61 -11.76
C ARG A 151 3.64 3.11 -10.83
N GLY A 152 3.46 1.96 -10.21
CA GLY A 152 4.52 1.34 -9.43
C GLY A 152 4.44 1.61 -7.94
N TYR A 153 3.59 2.55 -7.52
CA TYR A 153 3.57 2.90 -6.10
C TYR A 153 2.85 1.85 -5.29
N GLY A 154 1.80 1.26 -5.85
CA GLY A 154 1.14 0.16 -5.18
C GLY A 154 2.07 -1.02 -4.98
N ARG A 155 2.84 -1.35 -6.02
CA ARG A 155 3.81 -2.44 -5.88
C ARG A 155 4.80 -2.15 -4.77
N PHE A 156 5.28 -0.91 -4.69
CA PHE A 156 6.18 -0.53 -3.60
C PHE A 156 5.54 -0.77 -2.24
N LEU A 157 4.30 -0.32 -2.04
CA LEU A 157 3.70 -0.48 -0.72
C LEU A 157 3.45 -1.96 -0.41
N ILE A 158 3.05 -2.76 -1.40
CA ILE A 158 2.94 -4.20 -1.16
C ILE A 158 4.29 -4.77 -0.73
N ALA A 159 5.34 -4.47 -1.49
CA ALA A 159 6.69 -4.96 -1.12
C ALA A 159 7.07 -4.51 0.27
N PHE A 160 6.73 -3.27 0.62
CA PHE A 160 7.11 -2.71 1.91
C PHE A 160 6.41 -3.46 3.04
N SER A 161 5.14 -3.80 2.84
CA SER A 161 4.42 -4.49 3.90
C SER A 161 5.02 -5.87 4.16
N TYR A 162 5.53 -6.53 3.12
CA TYR A 162 6.20 -7.80 3.37
C TYR A 162 7.58 -7.61 3.98
N GLU A 163 8.28 -6.51 3.65
CA GLU A 163 9.56 -6.26 4.30
C GLU A 163 9.37 -6.09 5.81
N LEU A 164 8.28 -5.43 6.23
CA LEU A 164 7.96 -5.37 7.66
C LEU A 164 7.68 -6.77 8.22
N SER A 165 6.89 -7.56 7.49
CA SER A 165 6.60 -8.92 7.95
C SER A 165 7.89 -9.72 8.11
N LYS A 166 8.80 -9.62 7.15
CA LYS A 166 10.08 -10.33 7.29
C LYS A 166 10.81 -9.91 8.56
N LEU A 167 10.83 -8.61 8.85
CA LEU A 167 11.48 -8.13 10.07
C LEU A 167 10.77 -8.63 11.32
N GLU A 168 9.50 -8.96 11.24
CA GLU A 168 8.77 -9.53 12.37
C GLU A 168 8.86 -11.05 12.41
N SER A 169 9.60 -11.66 11.50
CA SER A 169 9.73 -13.11 11.41
C SER A 169 8.37 -13.80 11.40
N THR A 170 7.48 -13.30 10.54
CA THR A 170 6.14 -13.85 10.40
C THR A 170 5.71 -13.76 8.94
N VAL A 171 4.77 -14.64 8.56
CA VAL A 171 4.10 -14.48 7.27
C VAL A 171 2.91 -13.55 7.47
N GLY A 172 2.41 -13.00 6.37
CA GLY A 172 1.24 -12.15 6.47
C GLY A 172 0.52 -12.10 5.14
N SER A 173 -0.71 -11.62 5.18
CA SER A 173 -1.55 -11.51 3.99
C SER A 173 -2.42 -10.27 4.14
N PRO A 174 -2.80 -9.60 3.06
CA PRO A 174 -3.69 -8.45 3.19
C PRO A 174 -5.06 -8.87 3.68
N GLU A 175 -5.67 -8.00 4.48
CA GLU A 175 -7.07 -8.23 4.83
C GLU A 175 -7.92 -8.19 3.57
N LYS A 176 -8.89 -9.11 3.48
CA LYS A 176 -9.83 -9.15 2.38
C LYS A 176 -11.17 -8.55 2.81
N PRO A 177 -11.99 -8.09 1.86
CA PRO A 177 -11.79 -8.17 0.42
C PRO A 177 -10.81 -7.12 -0.10
N LEU A 178 -10.22 -7.39 -1.26
CA LEU A 178 -9.40 -6.40 -1.96
C LEU A 178 -10.22 -5.74 -3.06
N SER A 179 -9.88 -4.49 -3.39
CA SER A 179 -10.44 -3.92 -4.59
C SER A 179 -10.00 -4.76 -5.79
N ASP A 180 -10.64 -4.50 -6.93
CA ASP A 180 -10.28 -5.23 -8.15
C ASP A 180 -8.84 -4.94 -8.55
N LEU A 181 -8.42 -3.68 -8.46
CA LEU A 181 -7.03 -3.35 -8.78
C LEU A 181 -6.08 -3.91 -7.73
N GLY A 182 -6.46 -3.82 -6.46
CA GLY A 182 -5.66 -4.45 -5.42
C GLY A 182 -5.45 -5.93 -5.66
N LYS A 183 -6.49 -6.64 -6.10
CA LYS A 183 -6.36 -8.06 -6.41
C LYS A 183 -5.33 -8.32 -7.49
N LEU A 184 -5.43 -7.58 -8.60
CA LEU A 184 -4.49 -7.80 -9.70
C LEU A 184 -3.08 -7.46 -9.27
N SER A 185 -2.94 -6.41 -8.45
CA SER A 185 -1.62 -5.98 -7.98
C SER A 185 -0.98 -7.03 -7.07
N TYR A 186 -1.74 -7.53 -6.10
CA TYR A 186 -1.17 -8.56 -5.25
C TYR A 186 -0.80 -9.80 -6.05
N ARG A 187 -1.67 -10.23 -6.98
CA ARG A 187 -1.38 -11.44 -7.73
C ARG A 187 -0.12 -11.28 -8.57
N SER A 188 0.07 -10.11 -9.19
CA SER A 188 1.27 -9.90 -9.98
CA SER A 188 1.27 -9.87 -9.97
C SER A 188 2.51 -9.78 -9.08
N TYR A 189 2.37 -9.14 -7.91
CA TYR A 189 3.50 -9.05 -6.99
C TYR A 189 3.92 -10.44 -6.52
N TRP A 190 2.96 -11.24 -6.07
CA TRP A 190 3.26 -12.61 -5.63
C TRP A 190 3.91 -13.40 -6.76
N SER A 191 3.35 -13.29 -7.98
CA SER A 191 3.90 -14.02 -9.11
C SER A 191 5.35 -13.61 -9.38
N TRP A 192 5.61 -12.31 -9.39
CA TRP A 192 6.98 -11.86 -9.69
C TRP A 192 7.97 -12.33 -8.63
N VAL A 193 7.63 -12.11 -7.35
CA VAL A 193 8.52 -12.51 -6.26
C VAL A 193 8.81 -14.01 -6.33
N LEU A 194 7.76 -14.83 -6.47
CA LEU A 194 7.96 -16.28 -6.43
C LEU A 194 8.74 -16.75 -7.66
N LEU A 195 8.43 -16.23 -8.84
CA LEU A 195 9.17 -16.58 -10.04
C LEU A 195 10.65 -16.22 -9.89
N GLU A 196 10.93 -15.01 -9.42
CA GLU A 196 12.31 -14.56 -9.22
C GLU A 196 13.07 -15.50 -8.32
N ASN A 197 12.46 -15.88 -7.18
CA ASN A 197 13.12 -16.81 -6.28
C ASN A 197 13.31 -18.17 -6.94
N LEU A 198 12.31 -18.65 -7.68
CA LEU A 198 12.45 -19.94 -8.36
C LEU A 198 13.55 -19.89 -9.40
N ARG A 199 13.69 -18.76 -10.10
CA ARG A 199 14.73 -18.66 -11.12
C ARG A 199 16.12 -18.66 -10.51
N ASP A 200 16.30 -17.96 -9.40
CA ASP A 200 17.63 -17.68 -8.87
C ASP A 200 18.14 -18.73 -7.90
N PHE A 201 17.27 -19.57 -7.36
CA PHE A 201 17.68 -20.49 -6.30
C PHE A 201 18.27 -21.76 -6.90
N ARG A 202 19.60 -21.87 -6.85
CA ARG A 202 20.29 -23.12 -7.13
C ARG A 202 19.78 -24.19 -6.17
N GLY A 203 18.84 -25.01 -6.63
CA GLY A 203 18.34 -26.10 -5.83
C GLY A 203 16.84 -26.15 -5.83
N THR A 204 16.30 -27.02 -4.99
CA THR A 204 14.86 -27.26 -4.90
C THR A 204 14.29 -26.44 -3.74
N LEU A 205 13.42 -25.50 -4.06
CA LEU A 205 12.66 -24.77 -3.06
C LEU A 205 11.31 -25.44 -2.86
N SER A 206 10.91 -25.58 -1.60
CA SER A 206 9.56 -26.00 -1.28
C SER A 206 8.66 -24.78 -1.08
N ILE A 207 7.36 -25.06 -0.94
CA ILE A 207 6.42 -23.99 -0.65
C ILE A 207 6.70 -23.39 0.72
N LYS A 208 6.99 -24.23 1.72
CA LYS A 208 7.38 -23.71 3.02
C LYS A 208 8.63 -22.84 2.94
N ASP A 209 9.63 -23.28 2.16
CA ASP A 209 10.82 -22.47 1.93
C ASP A 209 10.44 -21.09 1.38
N LEU A 210 9.67 -21.06 0.29
CA LEU A 210 9.29 -19.78 -0.29
C LEU A 210 8.56 -18.91 0.72
N SER A 211 7.67 -19.51 1.52
CA SER A 211 6.93 -18.73 2.51
C SER A 211 7.89 -18.09 3.52
N GLN A 212 8.92 -18.82 3.93
CA GLN A 212 9.87 -18.27 4.89
C GLN A 212 10.76 -17.20 4.25
N MET A 213 11.10 -17.35 2.97
CA MET A 213 11.97 -16.38 2.32
C MET A 213 11.24 -15.09 1.99
N THR A 214 9.92 -15.14 1.78
CA THR A 214 9.15 -14.02 1.25
C THR A 214 8.17 -13.42 2.25
N SER A 215 7.81 -14.15 3.31
CA SER A 215 6.72 -13.80 4.21
C SER A 215 5.34 -13.84 3.55
N ILE A 216 5.24 -14.34 2.33
CA ILE A 216 3.94 -14.63 1.73
C ILE A 216 3.40 -15.91 2.34
N THR A 217 2.11 -15.95 2.64
CA THR A 217 1.57 -17.14 3.25
C THR A 217 1.62 -18.30 2.27
N GLN A 218 1.67 -19.51 2.82
CA GLN A 218 1.61 -20.69 1.96
C GLN A 218 0.34 -20.69 1.11
N ASN A 219 -0.77 -20.21 1.67
CA ASN A 219 -2.02 -20.20 0.90
C ASN A 219 -1.91 -19.27 -0.30
N ASP A 220 -1.37 -18.07 -0.11
CA ASP A 220 -1.21 -17.16 -1.24
C ASP A 220 -0.16 -17.67 -2.23
N ILE A 221 0.89 -18.35 -1.74
CA ILE A 221 1.86 -18.95 -2.66
C ILE A 221 1.19 -20.02 -3.52
N ILE A 222 0.42 -20.90 -2.88
CA ILE A 222 -0.19 -22.01 -3.60
C ILE A 222 -1.18 -21.50 -4.64
N SER A 223 -2.06 -20.57 -4.25
CA SER A 223 -3.00 -20.06 -5.26
C SER A 223 -2.27 -19.37 -6.41
N THR A 224 -1.15 -18.71 -6.11
CA THR A 224 -0.38 -18.07 -7.18
C THR A 224 0.26 -19.12 -8.09
N LEU A 225 0.95 -20.10 -7.50
CA LEU A 225 1.54 -21.19 -8.29
C LEU A 225 0.48 -21.92 -9.10
N GLN A 226 -0.73 -22.08 -8.55
CA GLN A 226 -1.81 -22.72 -9.31
C GLN A 226 -2.21 -21.88 -10.52
N SER A 227 -2.34 -20.56 -10.37
CA SER A 227 -2.66 -19.72 -11.52
CA SER A 227 -2.67 -19.74 -11.53
C SER A 227 -1.58 -19.80 -12.58
N LEU A 228 -0.33 -20.00 -12.18
CA LEU A 228 0.81 -20.17 -13.08
C LEU A 228 0.97 -21.59 -13.57
N ASN A 229 0.19 -22.53 -13.02
CA ASN A 229 0.31 -23.93 -13.42
CA ASN A 229 0.29 -23.95 -13.36
C ASN A 229 1.68 -24.51 -13.08
N MET A 230 2.19 -24.18 -11.89
CA MET A 230 3.53 -24.61 -11.48
C MET A 230 3.48 -25.48 -10.23
N VAL A 231 2.35 -26.14 -9.99
CA VAL A 231 2.23 -26.99 -8.81
C VAL A 231 1.52 -28.27 -9.20
N LYS A 232 2.06 -29.39 -8.72
CA LYS A 232 1.40 -30.68 -8.78
C LYS A 232 0.76 -30.97 -7.41
N TYR A 233 -0.10 -31.97 -7.39
CA TYR A 233 -0.67 -32.45 -6.14
C TYR A 233 -0.35 -33.93 -6.01
N TRP A 234 0.10 -34.33 -4.82
CA TRP A 234 0.53 -35.71 -4.62
C TRP A 234 0.24 -36.10 -3.17
N LYS A 235 -0.65 -37.07 -3.01
CA LYS A 235 -0.98 -37.62 -1.69
C LYS A 235 -1.27 -36.50 -0.70
N GLY A 236 -2.09 -35.55 -1.11
CA GLY A 236 -2.55 -34.53 -0.20
C GLY A 236 -1.66 -33.32 -0.05
N GLN A 237 -0.56 -33.22 -0.79
CA GLN A 237 0.30 -32.03 -0.68
C GLN A 237 0.54 -31.39 -2.04
N HIS A 238 0.61 -30.06 -2.03
CA HIS A 238 1.04 -29.31 -3.19
C HIS A 238 2.55 -29.38 -3.31
N VAL A 239 3.03 -29.60 -4.52
CA VAL A 239 4.46 -29.74 -4.79
C VAL A 239 4.81 -28.87 -5.98
N ILE A 240 5.87 -28.07 -5.84
CA ILE A 240 6.28 -27.21 -6.95
C ILE A 240 6.82 -28.06 -8.08
N CYS A 241 6.42 -27.75 -9.31
CA CYS A 241 6.89 -28.48 -10.49
CA CYS A 241 6.86 -28.49 -10.49
C CYS A 241 6.97 -27.50 -11.65
N VAL A 242 8.19 -27.06 -11.96
CA VAL A 242 8.41 -26.12 -13.05
C VAL A 242 9.89 -26.20 -13.44
N THR A 243 10.14 -26.10 -14.73
CA THR A 243 11.50 -26.08 -15.25
C THR A 243 12.07 -24.67 -15.18
N PRO A 244 13.39 -24.53 -15.12
CA PRO A 244 13.98 -23.19 -15.16
C PRO A 244 13.56 -22.41 -16.40
N LYS A 245 13.45 -23.07 -17.55
CA LYS A 245 13.03 -22.36 -18.76
C LYS A 245 11.62 -21.82 -18.61
N LEU A 246 10.73 -22.57 -17.97
CA LEU A 246 9.35 -22.11 -17.82
C LEU A 246 9.28 -20.87 -16.94
N VAL A 247 10.07 -20.84 -15.87
CA VAL A 247 10.11 -19.64 -15.03
C VAL A 247 10.56 -18.44 -15.85
N GLU A 248 11.61 -18.63 -16.67
CA GLU A 248 12.10 -17.52 -17.49
C GLU A 248 11.04 -17.01 -18.44
N GLU A 249 10.30 -17.92 -19.10
CA GLU A 249 9.25 -17.49 -20.02
C GLU A 249 8.25 -16.59 -19.33
N HIS A 250 7.76 -17.01 -18.16
CA HIS A 250 6.79 -16.19 -17.42
C HIS A 250 7.38 -14.82 -17.09
N LEU A 251 8.63 -14.78 -16.63
CA LEU A 251 9.22 -13.51 -16.22
C LEU A 251 9.42 -12.56 -17.39
N LYS A 252 9.44 -13.06 -18.62
CA LYS A 252 9.57 -12.15 -19.75
C LYS A 252 8.27 -11.49 -20.14
N SER A 253 7.17 -11.79 -19.44
CA SER A 253 5.86 -11.30 -19.83
C SER A 253 5.74 -9.80 -19.56
N ALA A 254 4.81 -9.16 -20.29
CA ALA A 254 4.65 -7.72 -20.18
C ALA A 254 4.28 -7.29 -18.76
N GLN A 255 3.58 -8.15 -18.01
CA GLN A 255 3.16 -7.76 -16.66
C GLN A 255 4.32 -7.25 -15.82
N TYR A 256 5.53 -7.75 -16.05
CA TYR A 256 6.68 -7.43 -15.22
C TYR A 256 7.71 -6.57 -15.94
N LYS A 257 7.32 -5.91 -17.03
CA LYS A 257 8.31 -5.20 -17.84
C LYS A 257 8.68 -3.83 -17.28
N LYS A 258 7.81 -3.24 -16.46
CA LYS A 258 8.11 -1.91 -15.92
C LYS A 258 9.11 -2.01 -14.77
N PRO A 259 10.21 -1.27 -14.81
CA PRO A 259 11.17 -1.34 -13.71
C PRO A 259 10.54 -0.89 -12.41
N PRO A 260 10.61 -1.69 -11.37
CA PRO A 260 9.94 -1.34 -10.11
C PRO A 260 10.65 -0.22 -9.38
N ILE A 261 9.87 0.47 -8.53
CA ILE A 261 10.43 1.13 -7.35
C ILE A 261 10.72 0.03 -6.35
N THR A 262 11.97 -0.14 -6.01
CA THR A 262 12.39 -1.23 -5.15
C THR A 262 12.36 -0.75 -3.70
N VAL A 263 12.29 -1.71 -2.79
CA VAL A 263 12.42 -1.44 -1.37
C VAL A 263 13.82 -1.90 -1.01
N ASP A 264 14.69 -0.95 -0.71
CA ASP A 264 16.07 -1.24 -0.35
C ASP A 264 16.12 -1.50 1.16
N SER A 265 16.26 -2.77 1.55
CA SER A 265 16.27 -3.11 2.97
C SER A 265 17.27 -2.25 3.75
N VAL A 266 18.34 -1.83 3.10
CA VAL A 266 19.37 -1.03 3.77
CA VAL A 266 19.36 -1.05 3.82
C VAL A 266 18.86 0.34 4.18
N CYS A 267 17.82 0.86 3.50
CA CYS A 267 17.28 2.18 3.79
C CYS A 267 16.08 2.13 4.72
N LEU A 268 15.71 0.95 5.19
CA LEU A 268 14.55 0.76 6.04
C LEU A 268 15.01 0.80 7.50
N LYS A 269 14.47 1.72 8.28
CA LYS A 269 14.93 1.97 9.65
C LYS A 269 13.78 1.58 10.57
N TRP A 270 13.68 0.28 10.85
CA TRP A 270 12.51 -0.24 11.55
C TRP A 270 12.90 -1.47 12.35
N ALA A 271 12.51 -1.49 13.62
CA ALA A 271 12.63 -2.67 14.43
C ALA A 271 11.25 -3.04 14.97
N PRO A 272 10.95 -4.34 15.10
CA PRO A 272 9.63 -4.74 15.60
C PRO A 272 9.46 -4.33 17.05
N PRO A 273 8.24 -3.94 17.46
CA PRO A 273 7.90 -3.66 18.86
C PRO A 273 7.27 -4.88 19.54
#